data_3VOF
#
_entry.id   3VOF
#
_cell.length_a   49.906
_cell.length_b   79.281
_cell.length_c   94.996
_cell.angle_alpha   90.00
_cell.angle_beta   90.00
_cell.angle_gamma   90.00
#
_symmetry.space_group_name_H-M   'P 21 21 21'
#
loop_
_entity.id
_entity.type
_entity.pdbx_description
1 polymer Cellobiohydrolase
2 non-polymer beta-D-glucopyranose
3 water water
#
_entity_poly.entity_id   1
_entity_poly.type   'polypeptide(L)'
_entity_poly.pdbx_seq_one_letter_code
;APSASFERRQGSVNPYIGRSPLVIKSYAEKLEETIAYFEAQGDELNAARTRTVQGIPTFAWISDSATIDTIQPLIADAVA
HQEASGEQVLVQLVIYNLPDRACAAKASDGEFHLDDDGANKYRAYVDRIVAELSTADADKLHFSIVLEPDSLGNMVTNMH
VPKCQGAATAYKEGIAYTIASLQKPNIDLYIDAAHGGWLGWNDNLRPSAEIFKETLDLARQITPNATVRGLAINVSNYNP
YKTRAREDYTEWNNAYDEWNYVKTLTPHLQAVGFPAQFIVDQGRSGREGIRTEWGQWCNIRNAGFGIRPTTDQAIVDSAN
VDAIVWVKPGGESDGTSDVNAVRFDENCRSPASHVPAPEAGEWFNEFVVNLVINANPPLEPTYAAAALEHHHHHH
;
_entity_poly.pdbx_strand_id   A
#
# COMPACT_ATOMS: atom_id res chain seq x y z
N SER A 12 -3.85 18.92 12.34
CA SER A 12 -3.25 17.77 11.58
C SER A 12 -1.73 17.82 11.61
N VAL A 13 -1.12 16.78 12.19
CA VAL A 13 0.34 16.72 12.28
C VAL A 13 0.82 15.42 11.64
N ASN A 14 2.08 15.38 11.20
CA ASN A 14 2.67 14.16 10.66
C ASN A 14 2.73 13.07 11.75
N PRO A 15 1.93 11.99 11.58
CA PRO A 15 1.88 10.95 12.62
C PRO A 15 3.19 10.17 12.79
N TYR A 16 4.07 10.27 11.80
CA TYR A 16 5.35 9.55 11.83
C TYR A 16 6.38 10.20 12.76
N ILE A 17 6.17 11.47 13.08
CA ILE A 17 7.13 12.17 13.94
C ILE A 17 6.94 11.72 15.38
N GLY A 18 8.03 11.30 16.01
CA GLY A 18 7.99 10.91 17.42
C GLY A 18 7.44 9.51 17.69
N ARG A 19 7.27 8.73 16.61
CA ARG A 19 6.73 7.37 16.75
C ARG A 19 7.63 6.34 16.07
N SER A 20 7.46 5.07 16.47
CA SER A 20 8.19 3.95 15.91
C SER A 20 7.18 3.04 15.22
N PRO A 21 7.18 3.04 13.86
CA PRO A 21 6.24 2.14 13.18
C PRO A 21 6.42 0.68 13.59
N LEU A 22 5.30 -0.02 13.73
CA LEU A 22 5.29 -1.39 14.23
C LEU A 22 5.85 -2.39 13.22
N VAL A 23 6.73 -3.27 13.71
CA VAL A 23 7.16 -4.44 12.94
C VAL A 23 6.05 -5.48 13.02
N ILE A 24 5.66 -6.05 11.87
CA ILE A 24 4.58 -7.01 11.79
C ILE A 24 5.16 -8.42 11.97
N LYS A 25 4.87 -9.01 13.12
CA LYS A 25 5.45 -10.31 13.48
C LYS A 25 5.11 -11.40 12.49
N SER A 26 3.88 -11.39 11.96
CA SER A 26 3.46 -12.46 11.05
C SER A 26 4.27 -12.40 9.75
N TYR A 27 4.65 -11.19 9.36
CA TYR A 27 5.48 -11.02 8.16
C TYR A 27 6.92 -11.51 8.43
N ALA A 28 7.47 -11.11 9.56
CA ALA A 28 8.78 -11.59 9.99
C ALA A 28 8.81 -13.12 10.01
N GLU A 29 7.72 -13.74 10.43
CA GLU A 29 7.66 -15.19 10.46
C GLU A 29 7.68 -15.83 9.08
N LYS A 30 7.00 -15.21 8.11
CA LYS A 30 7.02 -15.72 6.73
C LYS A 30 8.45 -15.69 6.17
N LEU A 31 9.23 -14.68 6.57
CA LEU A 31 10.62 -14.53 6.12
C LEU A 31 11.56 -15.62 6.63
N GLU A 32 11.09 -16.41 7.60
CA GLU A 32 11.89 -17.56 8.04
C GLU A 32 12.15 -18.53 6.90
N GLU A 33 11.20 -18.63 5.98
CA GLU A 33 11.36 -19.52 4.84
C GLU A 33 12.46 -19.02 3.91
N THR A 34 12.59 -17.71 3.81
CA THR A 34 13.58 -17.07 2.98
C THR A 34 14.97 -17.25 3.59
N ILE A 35 15.05 -17.05 4.90
CA ILE A 35 16.28 -17.29 5.65
C ILE A 35 16.75 -18.74 5.45
N ALA A 36 15.79 -19.67 5.57
CA ALA A 36 16.10 -21.09 5.43
C ALA A 36 16.64 -21.41 4.04
N TYR A 37 16.06 -20.80 3.00
CA TYR A 37 16.53 -20.96 1.64
C TYR A 37 18.00 -20.51 1.54
N PHE A 38 18.30 -19.31 2.02
CA PHE A 38 19.67 -18.80 1.94
C PHE A 38 20.65 -19.68 2.71
N GLU A 39 20.25 -20.12 3.91
CA GLU A 39 21.08 -21.04 4.70
C GLU A 39 21.36 -22.35 3.96
N ALA A 40 20.36 -22.89 3.27
CA ALA A 40 20.50 -24.12 2.49
C ALA A 40 21.42 -23.97 1.27
N GLN A 41 21.52 -22.75 0.73
CA GLN A 41 22.48 -22.45 -0.34
C GLN A 41 23.89 -22.13 0.20
N GLY A 42 24.03 -22.08 1.53
CA GLY A 42 25.28 -21.69 2.17
C GLY A 42 25.55 -20.20 2.07
N ASP A 43 24.49 -19.45 1.77
CA ASP A 43 24.57 -18.01 1.59
C ASP A 43 24.28 -17.28 2.90
N GLU A 44 25.29 -17.21 3.75
CA GLU A 44 25.15 -16.62 5.06
C GLU A 44 24.89 -15.12 5.01
N LEU A 45 25.52 -14.43 4.07
CA LEU A 45 25.31 -12.98 3.93
C LEU A 45 23.85 -12.66 3.66
N ASN A 46 23.26 -13.32 2.67
CA ASN A 46 21.87 -13.03 2.33
C ASN A 46 20.88 -13.55 3.37
N ALA A 47 21.21 -14.65 4.05
CA ALA A 47 20.40 -15.07 5.19
C ALA A 47 20.35 -13.97 6.25
N ALA A 48 21.52 -13.40 6.56
CA ALA A 48 21.65 -12.36 7.56
C ALA A 48 20.95 -11.07 7.12
N ARG A 49 21.03 -10.77 5.83
CA ARG A 49 20.28 -9.63 5.29
C ARG A 49 18.77 -9.83 5.42
N THR A 50 18.32 -11.07 5.24
CA THR A 50 16.90 -11.37 5.41
C THR A 50 16.47 -11.16 6.88
N ARG A 51 17.36 -11.54 7.81
CA ARG A 51 17.12 -11.25 9.22
C ARG A 51 16.93 -9.74 9.47
N THR A 52 17.72 -8.90 8.78
CA THR A 52 17.54 -7.46 8.88
C THR A 52 16.12 -7.05 8.44
N VAL A 53 15.64 -7.64 7.35
CA VAL A 53 14.30 -7.32 6.83
C VAL A 53 13.20 -7.64 7.87
N GLN A 54 13.41 -8.71 8.64
CA GLN A 54 12.46 -9.08 9.69
C GLN A 54 12.22 -7.95 10.69
N GLY A 55 13.19 -7.05 10.84
CA GLY A 55 13.04 -5.93 11.76
C GLY A 55 12.61 -4.61 11.14
N ILE A 56 12.26 -4.62 9.85
CA ILE A 56 11.82 -3.40 9.16
C ILE A 56 10.30 -3.30 9.20
N PRO A 57 9.75 -2.16 9.65
CA PRO A 57 8.28 -2.04 9.74
C PRO A 57 7.61 -2.08 8.37
N THR A 58 6.44 -2.72 8.32
CA THR A 58 5.63 -2.83 7.11
C THR A 58 4.18 -2.62 7.50
N PHE A 59 3.31 -2.50 6.51
CA PHE A 59 1.87 -2.40 6.75
C PHE A 59 1.23 -3.77 6.83
N ALA A 60 0.32 -3.93 7.78
CA ALA A 60 -0.51 -5.13 7.88
C ALA A 60 -1.79 -4.89 7.07
N TRP A 61 -2.07 -5.76 6.10
CA TRP A 61 -3.25 -5.61 5.24
C TRP A 61 -4.45 -6.36 5.77
N ILE A 62 -5.57 -5.65 5.91
CA ILE A 62 -6.82 -6.26 6.31
C ILE A 62 -7.56 -6.51 4.99
N SER A 63 -7.15 -7.59 4.32
CA SER A 63 -7.57 -7.83 2.94
CA SER A 63 -7.57 -7.83 2.94
C SER A 63 -8.77 -8.76 2.82
N ASP A 64 -9.31 -9.19 3.96
CA ASP A 64 -10.55 -9.96 3.99
C ASP A 64 -11.11 -9.91 5.41
N SER A 65 -12.29 -10.48 5.57
CA SER A 65 -13.00 -10.43 6.85
C SER A 65 -12.26 -11.21 7.93
N ALA A 66 -11.70 -12.35 7.56
CA ALA A 66 -10.99 -13.20 8.53
C ALA A 66 -9.83 -12.44 9.15
N THR A 67 -9.17 -11.60 8.34
CA THR A 67 -7.99 -10.89 8.81
C THR A 67 -8.32 -9.84 9.88
N ILE A 68 -9.59 -9.45 9.97
CA ILE A 68 -10.03 -8.59 11.07
C ILE A 68 -9.61 -9.17 12.42
N ASP A 69 -9.60 -10.49 12.50
CA ASP A 69 -9.28 -11.22 13.75
C ASP A 69 -7.82 -11.08 14.19
N THR A 70 -6.98 -10.55 13.30
CA THR A 70 -5.57 -10.31 13.63
C THR A 70 -5.36 -8.95 14.29
N ILE A 71 -6.34 -8.06 14.20
CA ILE A 71 -6.14 -6.68 14.65
C ILE A 71 -5.92 -6.59 16.15
N GLN A 72 -6.74 -7.29 16.93
CA GLN A 72 -6.58 -7.18 18.38
C GLN A 72 -5.30 -7.84 18.89
N PRO A 73 -4.92 -9.02 18.33
CA PRO A 73 -3.59 -9.56 18.69
C PRO A 73 -2.44 -8.61 18.34
N LEU A 74 -2.52 -7.96 17.19
CA LEU A 74 -1.55 -6.95 16.78
C LEU A 74 -1.50 -5.77 17.76
N ILE A 75 -2.67 -5.32 18.20
CA ILE A 75 -2.77 -4.22 19.15
C ILE A 75 -2.17 -4.63 20.49
N ALA A 76 -2.43 -5.86 20.93
CA ALA A 76 -1.90 -6.34 22.21
C ALA A 76 -0.38 -6.40 22.15
N ASP A 77 0.14 -6.90 21.02
CA ASP A 77 1.56 -6.97 20.73
C ASP A 77 2.21 -5.59 20.77
N ALA A 78 1.54 -4.62 20.13
CA ALA A 78 2.03 -3.25 20.06
C ALA A 78 2.04 -2.57 21.42
N VAL A 79 0.97 -2.78 22.21
CA VAL A 79 0.89 -2.20 23.54
C VAL A 79 2.01 -2.75 24.43
N ALA A 80 2.23 -4.06 24.34
CA ALA A 80 3.33 -4.70 25.06
C ALA A 80 4.69 -4.11 24.67
N HIS A 81 4.90 -3.89 23.38
CA HIS A 81 6.19 -3.36 22.91
C HIS A 81 6.36 -1.91 23.34
N GLN A 82 5.27 -1.15 23.29
CA GLN A 82 5.27 0.25 23.69
C GLN A 82 5.64 0.41 25.17
N GLU A 83 5.06 -0.45 26.00
CA GLU A 83 5.26 -0.35 27.45
C GLU A 83 6.63 -0.88 27.90
N ALA A 84 7.20 -1.81 27.14
CA ALA A 84 8.55 -2.31 27.42
C ALA A 84 9.60 -1.31 26.98
N SER A 85 9.46 -0.80 25.75
CA SER A 85 10.48 0.03 25.11
C SER A 85 10.39 1.50 25.45
N GLY A 86 9.21 1.95 25.87
CA GLY A 86 8.94 3.37 26.11
C GLY A 86 8.74 4.19 24.84
N GLU A 87 8.75 3.51 23.69
CA GLU A 87 8.53 4.17 22.40
C GLU A 87 7.05 4.24 22.10
N GLN A 88 6.60 5.30 21.45
CA GLN A 88 5.20 5.40 21.00
C GLN A 88 5.09 4.71 19.65
N VAL A 89 4.32 3.62 19.60
CA VAL A 89 4.26 2.78 18.41
C VAL A 89 3.24 3.33 17.43
N LEU A 90 3.54 3.22 16.13
CA LEU A 90 2.58 3.57 15.09
C LEU A 90 2.19 2.32 14.34
N VAL A 91 0.94 1.90 14.50
CA VAL A 91 0.46 0.66 13.85
C VAL A 91 -0.01 1.01 12.45
N GLN A 92 0.58 0.37 11.44
CA GLN A 92 0.27 0.68 10.04
C GLN A 92 -0.62 -0.41 9.47
N LEU A 93 -1.81 -0.01 9.02
CA LEU A 93 -2.81 -0.95 8.48
C LEU A 93 -3.25 -0.53 7.08
N VAL A 94 -3.65 -1.50 6.27
CA VAL A 94 -4.33 -1.20 5.02
C VAL A 94 -5.74 -1.77 5.07
N ILE A 95 -6.72 -0.95 4.71
CA ILE A 95 -8.08 -1.44 4.54
C ILE A 95 -8.27 -1.70 3.04
N TYR A 96 -8.49 -2.97 2.70
CA TYR A 96 -8.47 -3.40 1.31
C TYR A 96 -9.52 -4.49 1.09
N ASN A 97 -10.78 -4.11 0.96
CA ASN A 97 -11.82 -5.10 0.75
C ASN A 97 -13.07 -4.57 0.07
N LEU A 98 -12.91 -3.54 -0.78
CA LEU A 98 -14.10 -3.01 -1.49
C LEU A 98 -14.83 -4.09 -2.28
N PRO A 99 -16.15 -3.95 -2.40
CA PRO A 99 -16.85 -4.93 -3.26
C PRO A 99 -16.43 -4.69 -4.71
N ASP A 100 -16.40 -5.78 -5.49
CA ASP A 100 -15.85 -5.76 -6.87
C ASP A 100 -14.46 -5.12 -6.91
N ARG A 101 -13.62 -5.57 -5.98
CA ARG A 101 -12.29 -5.02 -5.73
C ARG A 101 -11.39 -5.16 -6.96
N ALA A 102 -10.49 -4.17 -7.13
CA ALA A 102 -9.47 -4.21 -8.19
C ALA A 102 -10.11 -4.47 -9.56
N CYS A 103 -11.08 -3.63 -9.90
CA CYS A 103 -12.03 -3.90 -10.99
C CYS A 103 -11.42 -4.09 -12.37
N ALA A 104 -10.24 -3.52 -12.61
CA ALA A 104 -9.64 -3.56 -13.94
C ALA A 104 -8.65 -4.71 -14.11
N ALA A 105 -8.53 -5.54 -13.10
CA ALA A 105 -7.74 -6.75 -13.21
C ALA A 105 -8.50 -7.91 -12.58
N LYS A 106 -7.96 -9.11 -12.71
CA LYS A 106 -8.59 -10.30 -12.14
C LYS A 106 -7.81 -10.83 -10.92
N ALA A 107 -6.53 -10.47 -10.84
CA ALA A 107 -5.61 -11.05 -9.88
C ALA A 107 -6.03 -10.89 -8.44
N SER A 108 -6.66 -9.77 -8.13
CA SER A 108 -6.90 -9.41 -6.74
C SER A 108 -8.39 -9.24 -6.42
N ASP A 109 -9.25 -9.87 -7.21
CA ASP A 109 -10.68 -9.93 -6.86
C ASP A 109 -10.84 -10.46 -5.44
N GLY A 110 -11.71 -9.81 -4.67
CA GLY A 110 -11.90 -10.13 -3.26
C GLY A 110 -13.18 -10.90 -3.00
N GLU A 111 -13.57 -10.95 -1.73
CA GLU A 111 -14.68 -11.78 -1.32
C GLU A 111 -16.06 -11.13 -1.48
N PHE A 112 -16.09 -9.80 -1.60
CA PHE A 112 -17.35 -9.08 -1.74
C PHE A 112 -17.62 -8.74 -3.21
N HIS A 113 -18.86 -8.95 -3.63
CA HIS A 113 -19.26 -8.65 -5.00
C HIS A 113 -20.58 -7.93 -4.99
N LEU A 114 -20.70 -6.91 -5.84
CA LEU A 114 -21.87 -6.04 -5.85
C LEU A 114 -23.15 -6.80 -6.13
N ASP A 115 -23.05 -7.87 -6.93
CA ASP A 115 -24.21 -8.73 -7.26
C ASP A 115 -24.57 -9.73 -6.16
N ASP A 116 -23.83 -9.69 -5.04
CA ASP A 116 -24.11 -10.55 -3.90
C ASP A 116 -24.06 -9.75 -2.58
N ASP A 117 -24.81 -8.65 -2.55
CA ASP A 117 -24.97 -7.81 -1.34
C ASP A 117 -23.64 -7.21 -0.88
N GLY A 118 -22.73 -6.99 -1.81
CA GLY A 118 -21.37 -6.58 -1.46
C GLY A 118 -21.23 -5.24 -0.76
N ALA A 119 -22.04 -4.27 -1.15
CA ALA A 119 -22.00 -2.95 -0.50
C ALA A 119 -22.33 -3.02 0.99
N ASN A 120 -23.41 -3.73 1.32
CA ASN A 120 -23.79 -3.90 2.72
C ASN A 120 -22.78 -4.74 3.49
N LYS A 121 -22.21 -5.74 2.83
CA LYS A 121 -21.20 -6.58 3.46
C LYS A 121 -19.95 -5.76 3.73
N TYR A 122 -19.59 -4.87 2.82
CA TYR A 122 -18.45 -3.99 3.05
C TYR A 122 -18.67 -3.10 4.26
N ARG A 123 -19.86 -2.50 4.37
CA ARG A 123 -20.16 -1.67 5.53
C ARG A 123 -19.99 -2.42 6.86
N ALA A 124 -20.48 -3.67 6.90
CA ALA A 124 -20.37 -4.48 8.11
C ALA A 124 -18.92 -4.85 8.43
N TYR A 125 -18.13 -5.09 7.39
CA TYR A 125 -16.69 -5.31 7.51
C TYR A 125 -16.02 -4.07 8.14
N VAL A 126 -16.36 -2.90 7.63
CA VAL A 126 -15.84 -1.63 8.20
C VAL A 126 -16.25 -1.49 9.67
N ASP A 127 -17.52 -1.77 9.97
CA ASP A 127 -18.02 -1.66 11.34
C ASP A 127 -17.22 -2.55 12.30
N ARG A 128 -16.86 -3.75 11.83
CA ARG A 128 -16.07 -4.68 12.61
C ARG A 128 -14.70 -4.10 12.91
N ILE A 129 -14.08 -3.51 11.89
CA ILE A 129 -12.75 -2.92 12.06
C ILE A 129 -12.81 -1.77 13.06
N VAL A 130 -13.81 -0.91 12.90
CA VAL A 130 -13.99 0.23 13.81
C VAL A 130 -14.07 -0.24 15.26
N ALA A 131 -14.84 -1.29 15.51
CA ALA A 131 -14.97 -1.83 16.88
C ALA A 131 -13.61 -2.31 17.41
N GLU A 132 -12.84 -3.00 16.58
CA GLU A 132 -11.51 -3.44 16.99
C GLU A 132 -10.59 -2.26 17.30
N LEU A 133 -10.80 -1.15 16.60
CA LEU A 133 -9.95 0.02 16.79
C LEU A 133 -10.50 0.95 17.86
N SER A 134 -11.48 0.46 18.63
CA SER A 134 -12.15 1.28 19.64
C SER A 134 -12.01 0.72 21.04
N THR A 135 -11.18 -0.32 21.19
CA THR A 135 -10.91 -0.92 22.51
C THR A 135 -10.01 -0.03 23.38
N ALA A 136 -9.96 -0.34 24.68
CA ALA A 136 -9.07 0.36 25.60
C ALA A 136 -7.61 0.29 25.17
N ASP A 137 -7.17 -0.89 24.72
CA ASP A 137 -5.81 -1.05 24.19
C ASP A 137 -5.58 -0.24 22.91
N ALA A 138 -6.57 -0.23 22.00
CA ALA A 138 -6.45 0.57 20.77
C ALA A 138 -6.26 2.06 21.12
N ASP A 139 -6.94 2.49 22.18
CA ASP A 139 -6.87 3.86 22.63
C ASP A 139 -5.47 4.30 23.04
N LYS A 140 -4.64 3.33 23.45
CA LYS A 140 -3.26 3.58 23.87
C LYS A 140 -2.30 3.77 22.69
N LEU A 141 -2.78 3.46 21.48
CA LEU A 141 -1.92 3.42 20.31
C LEU A 141 -2.28 4.50 19.29
N HIS A 142 -1.41 4.71 18.30
CA HIS A 142 -1.75 5.53 17.15
C HIS A 142 -1.68 4.68 15.89
N PHE A 143 -2.55 5.00 14.92
CA PHE A 143 -2.67 4.22 13.70
C PHE A 143 -2.45 5.06 12.45
N SER A 144 -1.75 4.48 11.48
CA SER A 144 -1.62 5.06 10.15
C SER A 144 -2.29 4.08 9.20
N ILE A 145 -3.37 4.52 8.54
CA ILE A 145 -4.20 3.60 7.77
C ILE A 145 -4.32 4.04 6.32
N VAL A 146 -3.86 3.17 5.41
CA VAL A 146 -4.03 3.38 3.98
C VAL A 146 -5.38 2.82 3.55
N LEU A 147 -6.15 3.62 2.81
CA LEU A 147 -7.49 3.25 2.40
C LEU A 147 -7.55 2.81 0.96
N GLU A 148 -7.82 1.53 0.78
CA GLU A 148 -8.25 0.93 -0.50
C GLU A 148 -7.34 1.20 -1.70
N PRO A 149 -6.14 0.59 -1.70
CA PRO A 149 -5.32 0.63 -2.91
C PRO A 149 -6.06 0.14 -4.16
N ASP A 150 -5.69 0.69 -5.32
CA ASP A 150 -6.21 0.23 -6.62
C ASP A 150 -7.73 0.36 -6.69
N SER A 151 -8.23 1.50 -6.22
CA SER A 151 -9.67 1.78 -6.26
C SER A 151 -9.97 2.98 -7.15
N LEU A 152 -9.85 4.19 -6.61
CA LEU A 152 -10.36 5.38 -7.30
C LEU A 152 -9.63 5.70 -8.59
N GLY A 153 -8.38 5.25 -8.72
CA GLY A 153 -7.64 5.42 -9.96
C GLY A 153 -8.38 4.82 -11.13
N ASN A 154 -9.14 3.76 -10.86
CA ASN A 154 -9.92 3.11 -11.90
C ASN A 154 -11.04 3.97 -12.43
N MET A 155 -11.57 4.87 -11.62
CA MET A 155 -12.62 5.78 -12.09
C MET A 155 -12.05 6.84 -13.01
N VAL A 156 -10.76 7.13 -12.86
CA VAL A 156 -10.12 8.13 -13.70
C VAL A 156 -9.83 7.60 -15.10
N THR A 157 -9.32 6.37 -15.21
CA THR A 157 -8.79 5.86 -16.48
C THR A 157 -9.46 4.58 -17.00
N ASN A 158 -10.19 3.88 -16.15
CA ASN A 158 -10.66 2.54 -16.50
C ASN A 158 -12.19 2.42 -16.60
N MET A 159 -12.89 3.53 -16.82
CA MET A 159 -14.35 3.46 -16.90
C MET A 159 -14.87 2.67 -18.11
N HIS A 160 -14.00 2.45 -19.10
CA HIS A 160 -14.30 1.59 -20.25
C HIS A 160 -14.38 0.10 -19.87
N VAL A 161 -13.86 -0.26 -18.69
CA VAL A 161 -13.95 -1.63 -18.20
C VAL A 161 -15.31 -1.78 -17.50
N PRO A 162 -16.16 -2.71 -17.98
CA PRO A 162 -17.52 -2.84 -17.43
C PRO A 162 -17.57 -2.97 -15.90
N LYS A 163 -16.70 -3.79 -15.32
CA LYS A 163 -16.67 -3.98 -13.87
C LYS A 163 -16.38 -2.65 -13.15
N CYS A 164 -15.48 -1.84 -13.71
CA CYS A 164 -15.18 -0.53 -13.12
C CYS A 164 -16.34 0.46 -13.23
N GLN A 165 -16.93 0.57 -14.42
CA GLN A 165 -18.11 1.40 -14.59
C GLN A 165 -19.17 1.05 -13.55
N GLY A 166 -19.36 -0.26 -13.32
CA GLY A 166 -20.37 -0.76 -12.40
C GLY A 166 -20.03 -0.56 -10.92
N ALA A 167 -18.75 -0.37 -10.64
CA ALA A 167 -18.28 -0.28 -9.26
C ALA A 167 -17.99 1.14 -8.80
N ALA A 168 -18.01 2.10 -9.74
CA ALA A 168 -17.60 3.48 -9.45
C ALA A 168 -18.30 4.08 -8.23
N THR A 169 -19.63 3.99 -8.20
CA THR A 169 -20.39 4.51 -7.09
C THR A 169 -20.05 3.79 -5.79
N ALA A 170 -19.90 2.46 -5.87
CA ALA A 170 -19.62 1.67 -4.69
C ALA A 170 -18.24 1.97 -4.11
N TYR A 171 -17.28 2.28 -4.99
CA TYR A 171 -15.93 2.63 -4.54
C TYR A 171 -15.96 3.95 -3.78
N LYS A 172 -16.59 4.95 -4.38
CA LYS A 172 -16.67 6.26 -3.73
C LYS A 172 -17.45 6.18 -2.42
N GLU A 173 -18.59 5.49 -2.44
CA GLU A 173 -19.41 5.41 -1.24
C GLU A 173 -18.76 4.54 -0.16
N GLY A 174 -18.06 3.49 -0.58
CA GLY A 174 -17.34 2.61 0.35
C GLY A 174 -16.21 3.33 1.07
N ILE A 175 -15.35 3.98 0.30
CA ILE A 175 -14.23 4.72 0.90
C ILE A 175 -14.75 5.85 1.80
N ALA A 176 -15.78 6.55 1.35
CA ALA A 176 -16.44 7.59 2.15
C ALA A 176 -16.90 7.07 3.50
N TYR A 177 -17.57 5.90 3.49
CA TYR A 177 -18.01 5.27 4.73
C TYR A 177 -16.83 4.94 5.64
N THR A 178 -15.76 4.41 5.05
CA THR A 178 -14.56 4.11 5.82
C THR A 178 -13.94 5.37 6.44
N ILE A 179 -13.79 6.42 5.65
CA ILE A 179 -13.29 7.69 6.17
C ILE A 179 -14.19 8.19 7.32
N ALA A 180 -15.50 8.22 7.06
CA ALA A 180 -16.46 8.72 8.03
C ALA A 180 -16.47 7.92 9.35
N SER A 181 -16.08 6.65 9.26
CA SER A 181 -16.12 5.73 10.41
C SER A 181 -14.85 5.74 11.27
N LEU A 182 -13.80 6.38 10.76
CA LEU A 182 -12.48 6.31 11.39
C LEU A 182 -11.93 7.68 11.76
N GLN A 183 -12.84 8.55 12.23
CA GLN A 183 -12.46 9.86 12.71
C GLN A 183 -12.21 9.79 14.21
N LYS A 184 -10.94 9.57 14.57
CA LYS A 184 -10.52 9.43 15.97
C LYS A 184 -9.19 10.15 16.11
N PRO A 185 -8.94 10.77 17.28
CA PRO A 185 -7.72 11.57 17.43
C PRO A 185 -6.44 10.75 17.27
N ASN A 186 -6.55 9.43 17.41
CA ASN A 186 -5.39 8.55 17.35
C ASN A 186 -5.27 7.79 16.03
N ILE A 187 -6.01 8.22 15.02
CA ILE A 187 -5.94 7.62 13.67
C ILE A 187 -5.67 8.65 12.58
N ASP A 188 -4.65 8.40 11.75
CA ASP A 188 -4.42 9.19 10.54
C ASP A 188 -4.70 8.35 9.32
N LEU A 189 -5.44 8.93 8.39
CA LEU A 189 -5.91 8.24 7.21
C LEU A 189 -5.23 8.73 5.94
N TYR A 190 -4.80 7.81 5.09
CA TYR A 190 -4.26 8.18 3.78
C TYR A 190 -5.03 7.48 2.68
N ILE A 191 -5.63 8.25 1.77
CA ILE A 191 -6.36 7.66 0.65
C ILE A 191 -5.38 7.20 -0.42
N ASP A 192 -5.54 5.99 -0.95
CA ASP A 192 -4.63 5.57 -2.00
C ASP A 192 -4.73 6.46 -3.23
N ALA A 193 -3.59 6.79 -3.82
CA ALA A 193 -3.59 7.65 -5.00
C ALA A 193 -2.72 7.08 -6.11
N ALA A 194 -2.69 5.75 -6.20
CA ALA A 194 -1.96 5.08 -7.28
C ALA A 194 -0.49 5.52 -7.33
N HIS A 195 0.05 5.68 -8.52
CA HIS A 195 1.47 6.02 -8.72
C HIS A 195 1.62 6.91 -9.94
N GLY A 196 2.80 7.50 -10.10
CA GLY A 196 3.01 8.51 -11.14
C GLY A 196 2.70 8.05 -12.55
N GLY A 197 2.96 6.77 -12.84
CA GLY A 197 2.71 6.20 -14.17
C GLY A 197 1.27 5.95 -14.51
N TRP A 198 0.40 6.07 -13.51
CA TRP A 198 -1.03 5.89 -13.69
C TRP A 198 -1.71 7.26 -13.67
N LEU A 199 -1.69 7.95 -12.52
CA LEU A 199 -2.44 9.20 -12.36
C LEU A 199 -1.62 10.48 -12.56
N GLY A 200 -0.32 10.35 -12.84
CA GLY A 200 0.57 11.52 -12.94
C GLY A 200 0.57 12.20 -14.31
N TRP A 201 0.14 11.48 -15.35
CA TRP A 201 -0.03 12.07 -16.67
C TRP A 201 -0.88 13.34 -16.57
N ASN A 202 -0.51 14.37 -17.33
CA ASN A 202 -1.10 15.69 -17.17
C ASN A 202 -2.62 15.66 -17.14
N ASP A 203 -3.22 14.89 -18.03
CA ASP A 203 -4.68 14.86 -18.17
C ASP A 203 -5.40 14.11 -17.06
N ASN A 204 -4.64 13.37 -16.24
CA ASN A 204 -5.24 12.61 -15.15
C ASN A 204 -5.17 13.34 -13.81
N LEU A 205 -4.37 14.40 -13.73
CA LEU A 205 -4.14 15.08 -12.47
C LEU A 205 -5.38 15.72 -11.88
N ARG A 206 -6.08 16.54 -12.67
CA ARG A 206 -7.31 17.19 -12.19
C ARG A 206 -8.43 16.21 -11.83
N PRO A 207 -8.74 15.22 -12.70
CA PRO A 207 -9.82 14.32 -12.29
C PRO A 207 -9.48 13.46 -11.09
N SER A 208 -8.19 13.19 -10.89
CA SER A 208 -7.74 12.48 -9.69
C SER A 208 -7.98 13.32 -8.45
N ALA A 209 -7.44 14.54 -8.44
CA ALA A 209 -7.72 15.46 -7.35
C ALA A 209 -9.21 15.61 -7.07
N GLU A 210 -10.01 15.75 -8.13
CA GLU A 210 -11.45 15.92 -7.97
C GLU A 210 -12.14 14.72 -7.32
N ILE A 211 -11.73 13.51 -7.71
CA ILE A 211 -12.38 12.32 -7.15
C ILE A 211 -12.00 12.10 -5.69
N PHE A 212 -10.76 12.47 -5.32
CA PHE A 212 -10.35 12.42 -3.92
C PHE A 212 -11.20 13.39 -3.11
N LYS A 213 -11.39 14.60 -3.63
CA LYS A 213 -12.19 15.58 -2.91
C LYS A 213 -13.67 15.16 -2.86
N GLU A 214 -14.17 14.62 -3.97
CA GLU A 214 -15.56 14.15 -4.02
C GLU A 214 -15.79 13.10 -2.94
N THR A 215 -14.82 12.19 -2.80
CA THR A 215 -14.93 11.11 -1.83
C THR A 215 -14.89 11.65 -0.40
N LEU A 216 -14.00 12.61 -0.15
CA LEU A 216 -13.90 13.23 1.17
C LEU A 216 -15.20 13.97 1.50
N ASP A 217 -15.78 14.65 0.50
CA ASP A 217 -17.02 15.38 0.71
C ASP A 217 -18.19 14.44 1.00
N LEU A 218 -18.22 13.28 0.36
CA LEU A 218 -19.20 12.26 0.69
C LEU A 218 -19.03 11.81 2.15
N ALA A 219 -17.78 11.63 2.58
CA ALA A 219 -17.53 11.24 3.96
C ALA A 219 -18.04 12.28 4.93
N ARG A 220 -17.91 13.55 4.54
CA ARG A 220 -18.31 14.65 5.40
CA ARG A 220 -18.31 14.67 5.39
C ARG A 220 -19.83 14.81 5.49
N GLN A 221 -20.53 14.23 4.53
CA GLN A 221 -22.00 14.16 4.59
C GLN A 221 -22.43 13.13 5.65
N ILE A 222 -21.59 12.13 5.90
CA ILE A 222 -21.86 11.11 6.91
C ILE A 222 -21.40 11.58 8.29
N THR A 223 -20.15 12.03 8.36
CA THR A 223 -19.55 12.51 9.59
C THR A 223 -19.06 13.92 9.36
N PRO A 224 -19.77 14.92 9.94
CA PRO A 224 -19.37 16.30 9.81
C PRO A 224 -17.91 16.53 10.19
N ASN A 225 -17.22 17.30 9.38
CA ASN A 225 -15.84 17.70 9.66
C ASN A 225 -14.84 16.55 9.54
N ALA A 226 -15.27 15.47 8.88
CA ALA A 226 -14.37 14.34 8.59
C ALA A 226 -13.15 14.84 7.82
N THR A 227 -12.00 14.31 8.15
CA THR A 227 -10.80 14.68 7.42
C THR A 227 -9.94 13.47 7.14
N VAL A 228 -8.92 13.67 6.31
CA VAL A 228 -7.85 12.68 6.15
C VAL A 228 -6.50 13.40 6.24
N ARG A 229 -5.44 12.64 6.46
CA ARG A 229 -4.10 13.23 6.51
C ARG A 229 -3.62 13.56 5.11
N GLY A 230 -3.92 12.69 4.14
CA GLY A 230 -3.47 12.88 2.78
C GLY A 230 -3.60 11.62 1.95
N LEU A 231 -2.56 11.35 1.18
CA LEU A 231 -2.56 10.27 0.19
C LEU A 231 -1.39 9.31 0.39
N ALA A 232 -1.60 8.07 -0.06
CA ALA A 232 -0.51 7.09 -0.20
C ALA A 232 -0.25 6.83 -1.66
N ILE A 233 1.02 6.84 -2.04
CA ILE A 233 1.39 6.65 -3.45
C ILE A 233 2.41 5.52 -3.59
N ASN A 234 2.39 4.92 -4.78
CA ASN A 234 3.28 3.83 -5.17
C ASN A 234 3.01 2.52 -4.44
N VAL A 235 1.84 2.42 -3.79
CA VAL A 235 1.50 1.21 -3.02
C VAL A 235 1.49 0.01 -3.96
N SER A 236 2.27 -1.00 -3.60
CA SER A 236 2.40 -2.24 -4.41
C SER A 236 3.03 -2.02 -5.77
N ASN A 237 3.60 -0.84 -6.01
CA ASN A 237 4.30 -0.63 -7.26
C ASN A 237 5.81 -0.54 -7.03
N TYR A 238 6.55 -0.03 -8.03
CA TYR A 238 7.99 -0.28 -8.08
C TYR A 238 8.76 0.98 -8.45
N ASN A 239 8.05 2.11 -8.54
CA ASN A 239 8.70 3.33 -9.04
C ASN A 239 9.73 3.81 -8.04
N PRO A 240 10.85 4.38 -8.54
CA PRO A 240 11.83 4.94 -7.62
C PRO A 240 11.32 6.22 -6.98
N TYR A 241 11.90 6.57 -5.84
CA TYR A 241 11.58 7.84 -5.20
C TYR A 241 12.20 8.97 -6.02
N LYS A 242 13.51 8.89 -6.21
CA LYS A 242 14.23 9.77 -7.13
C LYS A 242 14.97 8.88 -8.12
N THR A 243 14.66 9.02 -9.40
CA THR A 243 15.23 8.13 -10.41
C THR A 243 16.71 8.41 -10.66
N ARG A 244 17.47 7.34 -10.85
CA ARG A 244 18.88 7.45 -11.22
C ARG A 244 19.09 7.20 -12.71
N ALA A 245 17.99 7.11 -13.45
CA ALA A 245 18.01 6.98 -14.90
C ALA A 245 16.58 6.96 -15.44
N ARG A 246 16.07 8.12 -15.83
CA ARG A 246 14.70 8.24 -16.34
C ARG A 246 14.44 7.33 -17.55
N GLU A 247 13.38 6.52 -17.45
CA GLU A 247 13.03 5.55 -18.50
C GLU A 247 12.25 6.23 -19.63
N ASP A 248 12.40 5.72 -20.85
CA ASP A 248 11.69 6.27 -22.00
C ASP A 248 10.19 6.26 -21.82
N TYR A 249 9.67 5.23 -21.16
CA TYR A 249 8.21 5.14 -20.95
C TYR A 249 7.65 6.25 -20.06
N THR A 250 8.54 6.99 -19.40
CA THR A 250 8.10 8.09 -18.55
C THR A 250 8.17 9.44 -19.26
N GLU A 251 8.68 9.48 -20.48
CA GLU A 251 8.77 10.78 -21.16
C GLU A 251 7.37 11.40 -21.30
N TRP A 252 7.31 12.72 -21.21
CA TRP A 252 6.06 13.48 -21.33
C TRP A 252 5.20 13.43 -20.04
N ASN A 253 5.60 12.61 -19.07
CA ASN A 253 4.96 12.55 -17.75
C ASN A 253 5.85 13.24 -16.71
N ASN A 254 5.34 14.30 -16.10
CA ASN A 254 6.12 15.03 -15.11
C ASN A 254 6.30 14.26 -13.80
N ALA A 255 5.54 13.18 -13.66
CA ALA A 255 5.58 12.34 -12.45
C ALA A 255 6.43 11.10 -12.68
N TYR A 256 7.64 11.30 -13.22
CA TYR A 256 8.48 10.22 -13.70
C TYR A 256 9.24 9.48 -12.60
N ASP A 257 9.21 10.02 -11.38
CA ASP A 257 9.54 9.28 -10.17
C ASP A 257 8.56 9.75 -9.10
N GLU A 258 8.54 9.08 -7.96
CA GLU A 258 7.48 9.39 -7.00
C GLU A 258 7.66 10.74 -6.30
N TRP A 259 8.91 11.15 -6.09
CA TRP A 259 9.18 12.52 -5.60
C TRP A 259 8.58 13.55 -6.58
N ASN A 260 8.79 13.34 -7.87
CA ASN A 260 8.17 14.24 -8.84
C ASN A 260 6.64 14.08 -8.96
N TYR A 261 6.12 12.89 -8.66
CA TYR A 261 4.66 12.73 -8.61
C TYR A 261 4.08 13.62 -7.51
N VAL A 262 4.72 13.63 -6.33
CA VAL A 262 4.29 14.51 -5.24
C VAL A 262 4.28 15.96 -5.72
N LYS A 263 5.38 16.40 -6.32
CA LYS A 263 5.47 17.78 -6.77
C LYS A 263 4.40 18.12 -7.81
N THR A 264 4.14 17.18 -8.70
CA THR A 264 3.21 17.38 -9.81
C THR A 264 1.75 17.43 -9.34
N LEU A 265 1.37 16.52 -8.43
CA LEU A 265 -0.03 16.40 -8.02
C LEU A 265 -0.44 17.45 -6.99
N THR A 266 0.51 17.84 -6.15
CA THR A 266 0.26 18.78 -5.04
C THR A 266 -0.57 20.03 -5.42
N PRO A 267 -0.18 20.79 -6.47
CA PRO A 267 -1.01 21.98 -6.73
C PRO A 267 -2.45 21.66 -7.12
N HIS A 268 -2.68 20.50 -7.73
CA HIS A 268 -4.02 20.08 -8.10
C HIS A 268 -4.86 19.72 -6.88
N LEU A 269 -4.22 19.13 -5.85
CA LEU A 269 -4.88 18.88 -4.58
C LEU A 269 -5.21 20.19 -3.89
N GLN A 270 -4.27 21.11 -3.92
CA GLN A 270 -4.47 22.39 -3.27
C GLN A 270 -5.66 23.13 -3.92
N ALA A 271 -5.81 22.99 -5.23
CA ALA A 271 -6.89 23.66 -5.98
C ALA A 271 -8.30 23.24 -5.55
N VAL A 272 -8.42 22.00 -5.07
CA VAL A 272 -9.71 21.46 -4.61
C VAL A 272 -9.84 21.39 -3.09
N GLY A 273 -8.86 21.95 -2.38
CA GLY A 273 -8.88 21.94 -0.92
C GLY A 273 -8.65 20.57 -0.29
N PHE A 274 -7.93 19.71 -0.99
CA PHE A 274 -7.56 18.40 -0.46
C PHE A 274 -6.14 18.46 0.13
N PRO A 275 -5.91 17.86 1.32
CA PRO A 275 -4.58 17.97 1.95
C PRO A 275 -3.49 17.25 1.17
N ALA A 276 -2.40 17.97 0.86
CA ALA A 276 -1.32 17.45 0.05
C ALA A 276 -0.17 16.91 0.91
N GLN A 277 -0.48 15.93 1.76
CA GLN A 277 0.55 15.22 2.53
C GLN A 277 0.56 13.78 2.04
N PHE A 278 1.76 13.21 1.94
CA PHE A 278 1.92 11.88 1.31
C PHE A 278 2.74 10.92 2.15
N ILE A 279 2.39 9.64 2.09
CA ILE A 279 3.35 8.58 2.36
C ILE A 279 3.63 7.82 1.08
N VAL A 280 4.86 7.32 0.95
CA VAL A 280 5.33 6.77 -0.33
C VAL A 280 5.86 5.37 -0.11
N ASP A 281 5.25 4.37 -0.73
CA ASP A 281 5.77 3.01 -0.65
C ASP A 281 7.08 2.92 -1.46
N GLN A 282 8.13 2.38 -0.84
CA GLN A 282 9.39 2.08 -1.55
C GLN A 282 9.85 0.66 -1.31
N GLY A 283 8.94 -0.18 -0.80
CA GLY A 283 9.31 -1.56 -0.46
C GLY A 283 9.79 -2.43 -1.61
N ARG A 284 9.45 -2.10 -2.85
CA ARG A 284 9.92 -2.90 -4.00
C ARG A 284 10.54 -2.01 -5.07
N SER A 285 11.15 -0.91 -4.63
CA SER A 285 11.64 0.15 -5.53
C SER A 285 13.15 0.23 -5.69
N GLY A 286 13.89 -0.70 -5.09
CA GLY A 286 15.35 -0.62 -5.09
C GLY A 286 15.99 -0.71 -6.46
N ARG A 287 15.42 -1.55 -7.32
CA ARG A 287 15.99 -1.77 -8.65
C ARG A 287 15.11 -1.18 -9.76
N GLU A 288 15.70 -0.23 -10.48
CA GLU A 288 15.06 0.37 -11.63
C GLU A 288 15.40 -0.43 -12.86
N GLY A 289 14.65 -0.23 -13.93
CA GLY A 289 15.00 -0.80 -15.23
C GLY A 289 14.54 -2.23 -15.43
N ILE A 290 13.61 -2.67 -14.60
CA ILE A 290 13.10 -4.06 -14.64
C ILE A 290 11.81 -4.23 -15.46
N ARG A 291 11.25 -3.13 -15.94
CA ARG A 291 10.03 -3.18 -16.76
C ARG A 291 10.29 -2.61 -18.14
N THR A 292 9.57 -3.13 -19.13
CA THR A 292 9.61 -2.56 -20.47
C THR A 292 8.44 -1.59 -20.71
N GLU A 293 7.41 -1.67 -19.85
CA GLU A 293 6.25 -0.80 -19.94
C GLU A 293 5.84 -0.39 -18.54
N TRP A 294 5.36 0.83 -18.39
CA TRP A 294 4.99 1.34 -17.07
C TRP A 294 3.80 0.61 -16.45
N GLY A 295 2.96 0.01 -17.28
CA GLY A 295 1.75 -0.68 -16.83
C GLY A 295 1.98 -2.13 -16.44
N GLN A 296 3.23 -2.57 -16.43
CA GLN A 296 3.57 -3.88 -15.88
C GLN A 296 3.64 -3.78 -14.37
N TRP A 297 2.76 -4.51 -13.68
CA TRP A 297 2.65 -4.39 -12.22
C TRP A 297 2.76 -5.73 -11.50
N CYS A 298 2.61 -6.84 -12.24
CA CYS A 298 2.46 -8.13 -11.54
C CYS A 298 3.77 -8.90 -11.39
N ASN A 299 4.24 -9.05 -10.14
CA ASN A 299 5.44 -9.83 -9.78
C ASN A 299 6.63 -9.51 -10.67
N ILE A 300 7.06 -8.26 -10.69
CA ILE A 300 8.10 -7.85 -11.64
C ILE A 300 9.43 -8.46 -11.25
N ARG A 301 10.01 -9.24 -12.17
CA ARG A 301 11.22 -10.01 -11.88
C ARG A 301 12.40 -9.11 -11.58
N ASN A 302 13.15 -9.50 -10.54
CA ASN A 302 14.34 -8.80 -10.07
C ASN A 302 14.06 -7.51 -9.32
N ALA A 303 12.81 -7.30 -8.91
CA ALA A 303 12.52 -6.20 -8.00
C ALA A 303 13.42 -6.34 -6.77
N GLY A 304 13.83 -5.20 -6.23
CA GLY A 304 14.63 -5.17 -5.00
C GLY A 304 13.97 -4.34 -3.91
N PHE A 305 14.23 -4.68 -2.65
CA PHE A 305 13.81 -3.81 -1.55
C PHE A 305 14.43 -2.42 -1.75
N GLY A 306 13.65 -1.38 -1.49
CA GLY A 306 14.13 -0.02 -1.70
C GLY A 306 14.53 0.70 -0.42
N ILE A 307 14.48 2.03 -0.49
CA ILE A 307 14.82 2.90 0.64
C ILE A 307 14.05 2.42 1.87
N ARG A 308 14.74 2.24 2.98
CA ARG A 308 14.07 1.78 4.19
C ARG A 308 13.17 2.87 4.77
N PRO A 309 12.09 2.47 5.45
CA PRO A 309 11.15 3.43 6.03
C PRO A 309 11.88 4.52 6.83
N THR A 310 11.49 5.76 6.57
CA THR A 310 12.18 6.91 7.14
C THR A 310 11.37 8.18 7.05
N THR A 311 11.62 9.09 8.00
CA THR A 311 11.10 10.45 7.94
C THR A 311 12.22 11.47 7.71
N ASP A 312 13.45 10.99 7.59
CA ASP A 312 14.65 11.85 7.46
C ASP A 312 14.56 12.74 6.22
N GLN A 313 14.47 14.04 6.44
CA GLN A 313 14.33 14.98 5.33
C GLN A 313 15.55 15.04 4.41
N ALA A 314 16.70 14.58 4.89
CA ALA A 314 17.89 14.46 4.04
C ALA A 314 17.63 13.49 2.88
N ILE A 315 16.74 12.52 3.11
CA ILE A 315 16.33 11.54 2.11
C ILE A 315 14.99 11.94 1.47
N VAL A 316 14.03 12.29 2.31
CA VAL A 316 12.67 12.61 1.86
C VAL A 316 12.62 13.89 1.00
N ASP A 317 13.34 14.92 1.43
CA ASP A 317 13.50 16.15 0.64
C ASP A 317 12.15 16.75 0.15
N SER A 318 11.17 16.79 1.05
CA SER A 318 9.85 17.35 0.75
C SER A 318 9.04 17.53 2.01
N ALA A 319 8.58 18.76 2.24
CA ALA A 319 7.69 19.02 3.36
C ALA A 319 6.32 18.37 3.17
N ASN A 320 6.01 17.98 1.93
CA ASN A 320 4.73 17.37 1.59
C ASN A 320 4.73 15.87 1.80
N VAL A 321 5.90 15.31 2.11
CA VAL A 321 6.01 13.85 2.33
C VAL A 321 6.23 13.55 3.81
N ASP A 322 5.24 12.89 4.42
CA ASP A 322 5.33 12.51 5.83
C ASP A 322 6.40 11.45 6.08
N ALA A 323 6.45 10.46 5.20
CA ALA A 323 7.38 9.35 5.37
C ALA A 323 7.50 8.52 4.09
N ILE A 324 8.67 7.90 3.92
CA ILE A 324 8.79 6.74 3.04
C ILE A 324 8.47 5.53 3.90
N VAL A 325 7.67 4.62 3.37
CA VAL A 325 7.16 3.48 4.12
C VAL A 325 7.25 2.25 3.24
N TRP A 326 7.00 1.08 3.82
CA TRP A 326 6.85 -0.16 3.05
C TRP A 326 5.44 -0.66 3.25
N VAL A 327 4.61 -0.47 2.21
CA VAL A 327 3.20 -0.83 2.33
C VAL A 327 2.93 -2.24 1.85
N LYS A 328 3.18 -2.51 0.57
CA LYS A 328 3.10 -3.88 0.05
C LYS A 328 4.23 -4.73 0.64
N PRO A 329 3.90 -5.85 1.30
CA PRO A 329 4.98 -6.63 1.92
C PRO A 329 5.63 -7.54 0.89
N GLY A 330 6.93 -7.31 0.66
CA GLY A 330 7.64 -8.05 -0.37
C GLY A 330 7.66 -9.54 -0.07
N GLY A 331 7.32 -10.33 -1.09
CA GLY A 331 7.19 -11.78 -0.89
C GLY A 331 5.74 -12.21 -0.97
N GLU A 332 4.80 -11.30 -0.71
CA GLU A 332 3.39 -11.63 -0.92
C GLU A 332 3.07 -11.39 -2.38
N SER A 333 2.60 -12.43 -3.08
CA SER A 333 2.41 -12.33 -4.53
C SER A 333 1.41 -11.24 -4.96
N ASP A 334 1.60 -10.75 -6.18
CA ASP A 334 0.66 -9.82 -6.82
C ASP A 334 -0.45 -10.56 -7.55
N GLY A 335 -0.25 -11.85 -7.79
CA GLY A 335 -1.24 -12.61 -8.54
C GLY A 335 -0.67 -13.88 -9.09
N THR A 336 -1.57 -14.83 -9.35
CA THR A 336 -1.14 -16.13 -9.85
C THR A 336 -0.78 -16.08 -11.35
N SER A 337 0.20 -16.90 -11.73
CA SER A 337 0.49 -17.11 -13.14
C SER A 337 -0.21 -18.36 -13.69
N ASP A 338 -0.97 -19.06 -12.84
CA ASP A 338 -1.67 -20.30 -13.22
C ASP A 338 -2.82 -19.93 -14.17
N VAL A 339 -2.68 -20.26 -15.45
CA VAL A 339 -3.63 -19.82 -16.47
C VAL A 339 -5.05 -20.41 -16.32
N ASN A 340 -5.17 -21.47 -15.53
CA ASN A 340 -6.47 -22.07 -15.24
C ASN A 340 -7.25 -21.36 -14.14
N ALA A 341 -6.55 -20.56 -13.33
CA ALA A 341 -7.18 -19.97 -12.13
C ALA A 341 -8.22 -18.91 -12.48
N VAL A 342 -9.28 -18.85 -11.68
CA VAL A 342 -10.29 -17.83 -11.85
C VAL A 342 -9.69 -16.43 -11.81
N ARG A 343 -8.69 -16.25 -10.95
CA ARG A 343 -8.05 -14.94 -10.82
C ARG A 343 -6.80 -14.78 -11.66
N PHE A 344 -6.62 -15.62 -12.67
CA PHE A 344 -5.50 -15.39 -13.58
C PHE A 344 -5.70 -14.10 -14.37
N ASP A 345 -4.69 -13.24 -14.30
CA ASP A 345 -4.65 -12.02 -15.07
C ASP A 345 -3.44 -12.07 -15.99
N GLU A 346 -3.65 -11.73 -17.27
CA GLU A 346 -2.56 -11.77 -18.24
C GLU A 346 -1.35 -10.93 -17.83
N ASN A 347 -1.56 -9.88 -17.03
CA ASN A 347 -0.42 -9.06 -16.60
C ASN A 347 0.57 -9.88 -15.79
N CYS A 348 0.09 -10.95 -15.18
CA CYS A 348 0.95 -11.83 -14.39
C CYS A 348 1.81 -12.77 -15.21
N ARG A 349 1.64 -12.72 -16.52
CA ARG A 349 2.57 -13.36 -17.45
C ARG A 349 3.13 -12.35 -18.47
N SER A 350 3.28 -11.10 -18.03
CA SER A 350 3.95 -10.10 -18.86
C SER A 350 5.41 -10.53 -19.08
N PRO A 351 6.07 -9.93 -20.10
CA PRO A 351 7.46 -10.28 -20.35
C PRO A 351 8.39 -9.97 -19.18
N ALA A 352 7.91 -9.16 -18.25
CA ALA A 352 8.71 -8.73 -17.09
C ALA A 352 8.34 -9.48 -15.82
N SER A 353 7.34 -10.35 -15.91
CA SER A 353 6.84 -11.05 -14.73
C SER A 353 7.67 -12.27 -14.31
N HIS A 354 7.75 -12.49 -13.01
CA HIS A 354 8.41 -13.64 -12.42
C HIS A 354 7.39 -14.78 -12.36
N VAL A 355 7.66 -15.84 -13.11
CA VAL A 355 6.73 -16.98 -13.26
C VAL A 355 7.52 -18.25 -12.94
N PRO A 356 6.90 -19.24 -12.26
CA PRO A 356 5.51 -19.25 -11.76
C PRO A 356 5.35 -18.49 -10.45
N ALA A 357 4.13 -17.99 -10.23
CA ALA A 357 3.78 -17.22 -9.05
C ALA A 357 2.47 -17.75 -8.48
N PRO A 358 2.30 -17.72 -7.15
CA PRO A 358 1.08 -18.18 -6.51
C PRO A 358 0.01 -17.09 -6.45
N GLU A 359 -1.17 -17.43 -5.94
CA GLU A 359 -2.27 -16.48 -5.79
C GLU A 359 -1.85 -15.19 -5.08
N ALA A 360 -2.49 -14.10 -5.46
CA ALA A 360 -2.25 -12.79 -4.82
C ALA A 360 -2.32 -12.93 -3.30
N GLY A 361 -1.31 -12.37 -2.63
CA GLY A 361 -1.23 -12.42 -1.19
C GLY A 361 -0.51 -13.63 -0.61
N GLU A 362 -0.38 -14.69 -1.39
CA GLU A 362 0.30 -15.89 -0.93
C GLU A 362 1.81 -15.73 -1.03
N TRP A 363 2.53 -16.55 -0.27
CA TRP A 363 3.98 -16.39 -0.18
C TRP A 363 4.69 -16.90 -1.42
N PHE A 364 5.62 -16.07 -1.90
CA PHE A 364 6.35 -16.27 -3.15
C PHE A 364 7.83 -16.18 -2.78
N ASN A 365 8.38 -17.30 -2.29
CA ASN A 365 9.69 -17.26 -1.68
C ASN A 365 10.80 -16.84 -2.63
N GLU A 366 10.73 -17.30 -3.88
CA GLU A 366 11.76 -16.99 -4.88
C GLU A 366 11.80 -15.49 -5.16
N PHE A 367 10.64 -14.85 -5.05
CA PHE A 367 10.54 -13.43 -5.32
C PHE A 367 11.22 -12.61 -4.23
N VAL A 368 11.01 -12.97 -2.96
CA VAL A 368 11.63 -12.22 -1.89
C VAL A 368 13.13 -12.55 -1.75
N VAL A 369 13.52 -13.77 -2.15
CA VAL A 369 14.95 -14.06 -2.34
C VAL A 369 15.56 -12.97 -3.24
N ASN A 370 14.90 -12.69 -4.36
CA ASN A 370 15.40 -11.65 -5.26
C ASN A 370 15.28 -10.23 -4.72
N LEU A 371 14.24 -9.97 -3.92
CA LEU A 371 14.13 -8.66 -3.28
C LEU A 371 15.32 -8.36 -2.40
N VAL A 372 15.78 -9.38 -1.66
CA VAL A 372 16.97 -9.25 -0.81
C VAL A 372 18.24 -9.01 -1.67
N ILE A 373 18.45 -9.88 -2.65
CA ILE A 373 19.65 -9.79 -3.51
C ILE A 373 19.73 -8.42 -4.20
N ASN A 374 18.57 -7.93 -4.66
CA ASN A 374 18.50 -6.69 -5.45
C ASN A 374 18.26 -5.43 -4.64
N ALA A 375 18.29 -5.54 -3.30
CA ALA A 375 18.01 -4.39 -2.47
C ALA A 375 18.98 -3.23 -2.75
N ASN A 376 18.43 -2.01 -2.73
CA ASN A 376 19.22 -0.79 -2.96
C ASN A 376 18.62 0.33 -2.12
N PRO A 377 19.41 0.89 -1.17
CA PRO A 377 20.77 0.49 -0.82
C PRO A 377 20.83 -0.97 -0.39
N PRO A 378 22.01 -1.62 -0.51
CA PRO A 378 22.10 -3.01 -0.07
C PRO A 378 21.72 -3.13 1.39
N LEU A 379 21.13 -4.27 1.77
CA LEU A 379 20.79 -4.49 3.17
C LEU A 379 22.06 -4.79 3.96
N GLU A 380 22.16 -4.18 5.13
CA GLU A 380 23.22 -4.54 6.07
C GLU A 380 22.81 -5.83 6.77
N PRO A 381 23.71 -6.83 6.79
CA PRO A 381 23.36 -8.12 7.41
C PRO A 381 23.24 -8.04 8.93
N THR A 382 22.30 -8.80 9.48
CA THR A 382 22.22 -9.02 10.93
C THR A 382 22.64 -10.47 11.16
N TYR A 383 23.92 -10.68 11.46
CA TYR A 383 24.44 -12.03 11.64
C TYR A 383 24.08 -12.60 13.01
#